data_7XHJ
#
_entry.id   7XHJ
#
_cell.length_a   40.020
_cell.length_b   72.600
_cell.length_c   113.900
_cell.angle_alpha   90.000
_cell.angle_beta   90.000
_cell.angle_gamma   90.000
#
_symmetry.space_group_name_H-M   'P 21 21 21'
#
loop_
_entity.id
_entity.type
_entity.pdbx_description
1 polymer 'Crossover junction endodeoxyribonuclease RuvC'
2 water water
#
_entity_poly.entity_id   1
_entity_poly.type   'polypeptide(L)'
_entity_poly.pdbx_seq_one_letter_code
;MRVLGIDPGLANLGLGLVEGDVRRAKHLYHVCLTTESAWLMPRRLQYLHEELTRLLTEYRPDAVAIEDQILRRQADVAFK
VGQAFGVVQLACAQAGVPIHAYGPMQVKKSLVGTGRADKEQVIYMVKASLGIRELFNNHAADALALALTHLAHAPMQERS
ERLAAAGRAARTGDAPLRR
;
_entity_poly.pdbx_strand_id   A,B
#
# COMPACT_ATOMS: atom_id res chain seq x y z
N MET A 1 18.97 -15.13 -14.91
CA MET A 1 17.80 -14.55 -14.27
C MET A 1 18.22 -13.35 -13.43
N ARG A 2 17.50 -12.24 -13.61
CA ARG A 2 17.77 -11.01 -12.88
C ARG A 2 16.71 -10.83 -11.80
N VAL A 3 17.13 -10.67 -10.55
CA VAL A 3 16.22 -10.67 -9.41
C VAL A 3 16.42 -9.41 -8.58
N LEU A 4 15.30 -8.77 -8.23
CA LEU A 4 15.29 -7.66 -7.28
C LEU A 4 14.82 -8.19 -5.93
N GLY A 5 15.71 -8.18 -4.95
CA GLY A 5 15.33 -8.48 -3.57
C GLY A 5 14.85 -7.23 -2.85
N ILE A 6 13.84 -7.41 -1.99
CA ILE A 6 13.25 -6.29 -1.27
C ILE A 6 13.14 -6.66 0.20
N ASP A 7 13.76 -5.86 1.07
CA ASP A 7 13.58 -5.95 2.51
C ASP A 7 12.55 -4.89 2.88
N PRO A 8 11.29 -5.25 3.10
CA PRO A 8 10.24 -4.24 3.15
C PRO A 8 10.25 -3.43 4.44
N GLY A 9 9.86 -2.17 4.30
CA GLY A 9 9.77 -1.28 5.45
C GLY A 9 9.28 0.08 4.99
N LEU A 10 9.01 0.92 5.98
CA LEU A 10 8.57 2.29 5.74
C LEU A 10 9.68 3.30 5.94
N ALA A 11 10.32 3.26 7.10
CA ALA A 11 11.46 4.14 7.36
C ALA A 11 12.69 3.71 6.59
N ASN A 12 12.82 2.41 6.32
CA ASN A 12 13.93 1.85 5.56
C ASN A 12 13.38 0.84 4.57
N LEU A 13 13.80 0.93 3.31
CA LEU A 13 13.44 -0.05 2.30
C LEU A 13 14.72 -0.53 1.63
N GLY A 14 15.08 -1.79 1.88
CA GLY A 14 16.28 -2.35 1.29
C GLY A 14 15.99 -2.92 -0.08
N LEU A 15 16.83 -2.59 -1.05
CA LEU A 15 16.68 -3.06 -2.42
C LEU A 15 18.00 -3.62 -2.90
N GLY A 16 17.97 -4.79 -3.51
CA GLY A 16 19.23 -5.38 -3.99
C GLY A 16 19.01 -6.17 -5.25
N LEU A 17 19.83 -5.93 -6.26
CA LEU A 17 19.68 -6.54 -7.58
C LEU A 17 20.87 -7.43 -7.85
N VAL A 18 20.59 -8.68 -8.28
CA VAL A 18 21.61 -9.65 -8.67
C VAL A 18 21.15 -10.32 -9.96
N GLU A 19 22.09 -10.97 -10.64
CA GLU A 19 21.74 -11.71 -11.84
C GLU A 19 22.56 -12.99 -11.84
N GLY A 20 21.92 -14.09 -12.20
CA GLY A 20 22.65 -15.35 -12.35
C GLY A 20 21.79 -16.59 -12.32
N ASP A 21 22.26 -17.64 -11.66
CA ASP A 21 21.51 -18.87 -11.48
C ASP A 21 21.94 -19.49 -10.16
N VAL A 22 21.54 -20.74 -9.93
CA VAL A 22 21.82 -21.39 -8.65
C VAL A 22 23.33 -21.51 -8.42
N ARG A 23 24.12 -21.60 -9.49
CA ARG A 23 25.54 -21.85 -9.32
C ARG A 23 26.36 -20.56 -9.17
N ARG A 24 26.01 -19.49 -9.87
CA ARG A 24 26.78 -18.26 -9.82
C ARG A 24 25.86 -17.05 -9.91
N ALA A 25 26.25 -15.96 -9.25
CA ALA A 25 25.48 -14.73 -9.28
C ALA A 25 26.42 -13.53 -9.30
N LYS A 26 25.96 -12.46 -9.95
CA LYS A 26 26.69 -11.21 -10.07
C LYS A 26 25.91 -10.10 -9.39
N HIS A 27 26.62 -9.26 -8.65
CA HIS A 27 26.00 -8.08 -8.05
C HIS A 27 25.73 -7.01 -9.09
N LEU A 28 24.52 -6.43 -9.07
CA LEU A 28 24.19 -5.30 -9.93
C LEU A 28 24.07 -3.99 -9.18
N TYR A 29 23.37 -3.96 -8.05
CA TYR A 29 23.05 -2.70 -7.38
C TYR A 29 22.45 -3.00 -6.02
N HIS A 30 22.70 -2.13 -5.04
CA HIS A 30 21.92 -2.20 -3.83
C HIS A 30 21.82 -0.82 -3.21
N VAL A 31 20.79 -0.63 -2.38
CA VAL A 31 20.53 0.67 -1.75
C VAL A 31 19.58 0.45 -0.59
N CYS A 32 19.64 1.34 0.39
CA CYS A 32 18.60 1.43 1.41
C CYS A 32 17.93 2.78 1.26
N LEU A 33 16.68 2.77 0.78
CA LEU A 33 15.88 3.99 0.77
C LEU A 33 15.40 4.31 2.18
N THR A 34 15.33 5.59 2.50
N THR A 34 15.35 5.60 2.51
CA THR A 34 14.85 6.04 3.79
CA THR A 34 14.84 6.04 3.80
C THR A 34 13.74 7.07 3.60
C THR A 34 13.73 7.06 3.60
N THR A 35 12.80 7.11 4.56
CA THR A 35 11.79 8.16 4.61
C THR A 35 11.75 8.72 6.02
N GLU A 36 11.23 9.93 6.13
CA GLU A 36 11.21 10.70 7.37
C GLU A 36 9.80 10.75 7.94
N SER A 37 9.70 10.55 9.26
CA SER A 37 8.42 10.66 9.93
C SER A 37 7.81 12.05 9.79
N ALA A 38 8.65 13.10 9.74
CA ALA A 38 8.15 14.46 9.57
C ALA A 38 7.43 14.65 8.24
N TRP A 39 7.73 13.82 7.24
CA TRP A 39 6.87 13.79 6.08
C TRP A 39 5.57 13.12 6.48
N LEU A 40 4.47 13.55 5.90
CA LEU A 40 3.25 12.81 6.19
C LEU A 40 3.32 11.44 5.51
N MET A 41 2.47 10.51 5.94
CA MET A 41 2.46 9.18 5.32
C MET A 41 2.27 9.22 3.81
N PRO A 42 1.32 9.99 3.24
CA PRO A 42 1.16 9.92 1.78
C PRO A 42 2.44 10.23 1.03
N ARG A 43 3.22 11.20 1.52
CA ARG A 43 4.47 11.57 0.87
C ARG A 43 5.55 10.51 1.07
N ARG A 44 5.61 9.89 2.25
CA ARG A 44 6.53 8.77 2.45
C ARG A 44 6.23 7.64 1.46
N LEU A 45 4.96 7.31 1.31
CA LEU A 45 4.58 6.26 0.38
C LEU A 45 4.88 6.67 -1.06
N GLN A 46 4.62 7.94 -1.40
CA GLN A 46 4.89 8.39 -2.76
C GLN A 46 6.38 8.31 -3.08
N TYR A 47 7.22 8.69 -2.11
CA TYR A 47 8.66 8.61 -2.32
C TYR A 47 9.09 7.18 -2.59
N LEU A 48 8.66 6.24 -1.75
CA LEU A 48 9.08 4.85 -1.92
C LEU A 48 8.58 4.31 -3.24
N HIS A 49 7.33 4.57 -3.57
CA HIS A 49 6.76 4.08 -4.82
C HIS A 49 7.49 4.64 -6.02
N GLU A 50 7.81 5.94 -6.00
CA GLU A 50 8.50 6.56 -7.14
C GLU A 50 9.89 5.99 -7.32
N GLU A 51 10.64 5.86 -6.23
CA GLU A 51 12.01 5.37 -6.35
C GLU A 51 12.03 3.91 -6.77
N LEU A 52 11.10 3.11 -6.24
CA LEU A 52 11.05 1.72 -6.65
C LEU A 52 10.60 1.58 -8.11
N THR A 53 9.61 2.37 -8.54
N THR A 53 9.61 2.37 -8.54
CA THR A 53 9.19 2.36 -9.94
CA THR A 53 9.20 2.34 -9.94
C THR A 53 10.35 2.69 -10.87
C THR A 53 10.37 2.68 -10.86
N ARG A 54 11.17 3.68 -10.49
CA ARG A 54 12.32 4.04 -11.30
C ARG A 54 13.31 2.89 -11.40
N LEU A 55 13.58 2.24 -10.27
CA LEU A 55 14.55 1.13 -10.28
C LEU A 55 14.01 -0.06 -11.07
N LEU A 56 12.72 -0.36 -10.96
CA LEU A 56 12.14 -1.41 -11.80
C LEU A 56 12.25 -1.08 -13.28
N THR A 57 11.95 0.18 -13.66
N THR A 57 11.95 0.17 -13.65
CA THR A 57 12.04 0.57 -15.07
CA THR A 57 12.05 0.55 -15.06
C THR A 57 13.48 0.46 -15.57
C THR A 57 13.48 0.45 -15.56
N GLU A 58 14.44 0.92 -14.76
CA GLU A 58 15.84 0.92 -15.20
C GLU A 58 16.36 -0.51 -15.36
N TYR A 59 16.29 -1.31 -14.30
CA TYR A 59 17.01 -2.57 -14.28
C TYR A 59 16.23 -3.74 -14.87
N ARG A 60 14.91 -3.63 -15.02
CA ARG A 60 14.14 -4.64 -15.74
C ARG A 60 14.30 -6.04 -15.17
N PRO A 61 14.10 -6.27 -13.87
CA PRO A 61 14.28 -7.62 -13.34
C PRO A 61 13.21 -8.58 -13.82
N ASP A 62 13.57 -9.87 -13.82
CA ASP A 62 12.64 -10.94 -14.16
C ASP A 62 11.72 -11.28 -13.00
N ALA A 63 12.16 -11.02 -11.76
CA ALA A 63 11.41 -11.43 -10.60
C ALA A 63 11.78 -10.56 -9.42
N VAL A 64 10.85 -10.45 -8.48
CA VAL A 64 11.09 -9.81 -7.19
C VAL A 64 11.02 -10.88 -6.11
N ALA A 65 11.95 -10.84 -5.16
CA ALA A 65 11.95 -11.71 -3.99
C ALA A 65 11.75 -10.83 -2.77
N ILE A 66 10.70 -11.08 -1.99
CA ILE A 66 10.36 -10.18 -0.91
C ILE A 66 10.32 -10.98 0.39
N GLU A 67 10.70 -10.33 1.48
CA GLU A 67 10.74 -11.01 2.77
C GLU A 67 9.31 -11.17 3.30
N ASP A 68 9.02 -12.37 3.78
CA ASP A 68 7.70 -12.72 4.34
C ASP A 68 7.90 -12.89 5.85
N GLN A 69 7.76 -11.79 6.58
CA GLN A 69 8.00 -11.77 8.01
C GLN A 69 6.76 -12.21 8.78
N ILE A 70 6.98 -12.81 9.95
CA ILE A 70 5.92 -13.16 10.88
C ILE A 70 5.99 -12.28 12.13
N LEU A 71 6.60 -11.10 12.02
CA LEU A 71 6.64 -10.16 13.13
C LEU A 71 5.23 -9.83 13.61
N ARG A 72 4.98 -10.07 14.90
CA ARG A 72 3.65 -9.98 15.47
C ARG A 72 3.76 -9.29 16.84
N ARG A 73 3.83 -7.97 16.83
CA ARG A 73 3.86 -7.23 18.08
C ARG A 73 2.78 -6.16 18.11
N GLN A 74 3.00 -5.04 17.43
CA GLN A 74 2.21 -3.83 17.62
C GLN A 74 1.34 -3.56 16.41
N ALA A 75 0.03 -3.42 16.64
CA ALA A 75 -0.90 -3.19 15.53
C ALA A 75 -0.67 -1.84 14.86
N ASP A 76 -0.30 -0.81 15.64
CA ASP A 76 -0.12 0.50 15.03
C ASP A 76 1.12 0.53 14.14
N VAL A 77 2.19 -0.16 14.53
CA VAL A 77 3.34 -0.31 13.65
C VAL A 77 2.98 -1.13 12.43
N ALA A 78 2.27 -2.25 12.64
CA ALA A 78 1.91 -3.15 11.54
C ALA A 78 1.05 -2.45 10.51
N PHE A 79 0.16 -1.55 10.95
CA PHE A 79 -0.66 -0.78 10.00
C PHE A 79 0.22 0.09 9.11
N LYS A 80 1.20 0.77 9.71
CA LYS A 80 2.05 1.68 8.94
C LYS A 80 2.96 0.91 7.99
N VAL A 81 3.56 -0.18 8.47
CA VAL A 81 4.44 -0.98 7.62
C VAL A 81 3.64 -1.71 6.55
N GLY A 82 2.40 -2.10 6.86
CA GLY A 82 1.56 -2.70 5.83
C GLY A 82 1.28 -1.74 4.69
N GLN A 83 1.10 -0.45 5.02
CA GLN A 83 0.92 0.54 3.95
C GLN A 83 2.11 0.54 3.00
N ALA A 84 3.32 0.51 3.55
CA ALA A 84 4.51 0.49 2.69
C ALA A 84 4.58 -0.79 1.86
N PHE A 85 4.25 -1.92 2.47
CA PHE A 85 4.24 -3.20 1.76
C PHE A 85 3.25 -3.17 0.61
N GLY A 86 2.09 -2.54 0.83
CA GLY A 86 1.10 -2.44 -0.24
C GLY A 86 1.61 -1.67 -1.44
N VAL A 87 2.29 -0.56 -1.20
N VAL A 87 2.30 -0.54 -1.21
CA VAL A 87 2.78 0.28 -2.28
CA VAL A 87 2.75 0.25 -2.35
C VAL A 87 3.92 -0.41 -3.01
C VAL A 87 3.94 -0.42 -3.03
N VAL A 88 4.74 -1.19 -2.28
CA VAL A 88 5.78 -1.99 -2.91
C VAL A 88 5.17 -3.03 -3.83
N GLN A 89 4.18 -3.79 -3.33
CA GLN A 89 3.50 -4.77 -4.17
C GLN A 89 2.87 -4.13 -5.39
N LEU A 90 2.31 -2.93 -5.21
CA LEU A 90 1.68 -2.21 -6.32
C LEU A 90 2.69 -1.88 -7.40
N ALA A 91 3.85 -1.37 -7.01
CA ALA A 91 4.88 -1.03 -8.00
C ALA A 91 5.30 -2.26 -8.80
N CYS A 92 5.47 -3.38 -8.11
CA CYS A 92 5.85 -4.61 -8.82
C CYS A 92 4.78 -5.04 -9.82
N ALA A 93 3.50 -5.00 -9.42
CA ALA A 93 2.43 -5.41 -10.33
C ALA A 93 2.31 -4.47 -11.53
N GLN A 94 2.51 -3.16 -11.30
CA GLN A 94 2.45 -2.21 -12.40
C GLN A 94 3.55 -2.46 -13.40
N ALA A 95 4.69 -2.96 -12.93
CA ALA A 95 5.81 -3.32 -13.79
C ALA A 95 5.65 -4.69 -14.44
N GLY A 96 4.65 -5.47 -14.03
CA GLY A 96 4.49 -6.81 -14.58
C GLY A 96 5.52 -7.81 -14.07
N VAL A 97 6.09 -7.57 -12.91
CA VAL A 97 7.16 -8.41 -12.37
C VAL A 97 6.59 -9.29 -11.26
N PRO A 98 6.68 -10.61 -11.37
CA PRO A 98 6.12 -11.50 -10.34
C PRO A 98 6.88 -11.40 -9.03
N ILE A 99 6.14 -11.52 -7.93
CA ILE A 99 6.69 -11.44 -6.59
C ILE A 99 6.72 -12.83 -5.99
N HIS A 100 7.87 -13.21 -5.44
CA HIS A 100 8.03 -14.47 -4.72
C HIS A 100 8.44 -14.14 -3.29
N ALA A 101 7.70 -14.67 -2.32
CA ALA A 101 7.94 -14.37 -0.92
C ALA A 101 8.76 -15.49 -0.27
N TYR A 102 9.70 -15.10 0.59
CA TYR A 102 10.54 -16.04 1.32
C TYR A 102 10.63 -15.61 2.78
N GLY A 103 10.49 -16.57 3.68
CA GLY A 103 10.67 -16.31 5.08
C GLY A 103 12.14 -16.37 5.47
N PRO A 104 12.46 -15.82 6.65
CA PRO A 104 13.87 -15.74 7.07
C PRO A 104 14.57 -17.08 7.18
N MET A 105 13.86 -18.15 7.58
CA MET A 105 14.51 -19.46 7.65
C MET A 105 14.82 -20.01 6.26
N GLN A 106 13.99 -19.67 5.27
CA GLN A 106 14.30 -20.06 3.90
C GLN A 106 15.57 -19.37 3.42
N VAL A 107 15.73 -18.09 3.78
CA VAL A 107 16.92 -17.35 3.39
C VAL A 107 18.16 -17.97 4.06
N LYS A 108 18.08 -18.21 5.37
CA LYS A 108 19.22 -18.77 6.08
C LYS A 108 19.61 -20.13 5.53
N LYS A 109 18.62 -20.97 5.22
CA LYS A 109 18.91 -22.29 4.68
C LYS A 109 19.55 -22.20 3.30
N SER A 110 19.03 -21.32 2.44
CA SER A 110 19.55 -21.22 1.08
C SER A 110 20.97 -20.67 1.05
N LEU A 111 21.28 -19.71 1.91
CA LEU A 111 22.56 -19.03 1.86
C LEU A 111 23.62 -19.63 2.76
N VAL A 112 23.23 -20.15 3.92
CA VAL A 112 24.18 -20.71 4.86
C VAL A 112 24.10 -22.23 4.93
N GLY A 113 22.96 -22.83 4.62
CA GLY A 113 22.77 -24.26 4.71
C GLY A 113 21.84 -24.70 5.81
N THR A 114 21.64 -23.87 6.84
CA THR A 114 20.81 -24.19 7.99
C THR A 114 19.90 -23.00 8.29
N GLY A 115 18.75 -23.31 8.89
CA GLY A 115 17.73 -22.31 9.18
C GLY A 115 17.88 -21.56 10.48
N ARG A 116 18.84 -21.95 11.32
CA ARG A 116 19.11 -21.25 12.58
C ARG A 116 20.45 -20.53 12.54
N ALA A 117 20.76 -19.90 11.42
CA ALA A 117 21.98 -19.12 11.28
C ALA A 117 21.74 -17.69 11.76
N ASP A 118 22.83 -17.03 12.17
CA ASP A 118 22.75 -15.65 12.59
C ASP A 118 22.81 -14.71 11.38
N LYS A 119 22.35 -13.47 11.59
CA LYS A 119 22.32 -12.52 10.47
C LYS A 119 23.71 -12.23 9.94
N GLU A 120 24.70 -12.12 10.84
CA GLU A 120 26.08 -11.90 10.42
C GLU A 120 26.57 -13.04 9.55
N GLN A 121 26.12 -14.26 9.85
CA GLN A 121 26.44 -15.40 9.01
C GLN A 121 25.85 -15.25 7.61
N VAL A 122 24.60 -14.77 7.53
CA VAL A 122 23.96 -14.59 6.23
C VAL A 122 24.67 -13.51 5.44
N ILE A 123 25.00 -12.39 6.07
CA ILE A 123 25.64 -11.30 5.36
C ILE A 123 27.04 -11.71 4.89
N TYR A 124 27.77 -12.49 5.69
CA TYR A 124 29.05 -13.01 5.22
C TYR A 124 28.87 -13.78 3.93
N MET A 125 27.85 -14.64 3.85
CA MET A 125 27.64 -15.44 2.65
C MET A 125 27.13 -14.60 1.48
N VAL A 126 26.36 -13.53 1.76
CA VAL A 126 25.99 -12.61 0.69
C VAL A 126 27.22 -11.99 0.06
N LYS A 127 28.12 -11.47 0.90
CA LYS A 127 29.32 -10.80 0.38
C LYS A 127 30.22 -11.77 -0.37
N ALA A 128 30.32 -13.02 0.12
CA ALA A 128 31.18 -14.01 -0.52
C ALA A 128 30.61 -14.46 -1.85
N SER A 129 29.28 -14.64 -1.93
CA SER A 129 28.64 -15.03 -3.18
C SER A 129 28.76 -13.95 -4.24
N LEU A 130 28.81 -12.67 -3.85
CA LEU A 130 28.79 -11.58 -4.81
C LEU A 130 30.12 -10.85 -4.94
N GLY A 131 31.14 -11.26 -4.20
CA GLY A 131 32.41 -10.57 -4.28
C GLY A 131 32.41 -9.16 -3.73
N ILE A 132 31.54 -8.88 -2.76
CA ILE A 132 31.44 -7.55 -2.17
C ILE A 132 32.41 -7.45 -1.00
N ARG A 133 33.19 -6.37 -0.97
CA ARG A 133 34.18 -6.20 0.08
C ARG A 133 33.52 -5.81 1.41
N GLU A 134 32.51 -4.94 1.37
CA GLU A 134 31.87 -4.49 2.60
C GLU A 134 30.41 -4.16 2.32
N LEU A 135 29.56 -4.43 3.31
CA LEU A 135 28.14 -4.12 3.27
C LEU A 135 27.76 -3.50 4.62
N PHE A 136 27.64 -2.18 4.67
CA PHE A 136 27.42 -1.51 5.93
C PHE A 136 25.96 -1.51 6.34
N ASN A 137 25.04 -1.57 5.37
CA ASN A 137 23.63 -1.43 5.64
C ASN A 137 22.96 -2.80 5.66
N ASN A 138 22.36 -3.14 6.80
CA ASN A 138 21.78 -4.48 6.96
C ASN A 138 20.52 -4.68 6.12
N HIS A 139 19.79 -3.61 5.80
CA HIS A 139 18.59 -3.75 4.98
C HIS A 139 18.95 -4.03 3.53
N ALA A 140 19.97 -3.35 3.01
CA ALA A 140 20.48 -3.69 1.69
C ALA A 140 21.00 -5.11 1.65
N ALA A 141 21.74 -5.51 2.69
CA ALA A 141 22.28 -6.86 2.75
C ALA A 141 21.15 -7.89 2.77
N ASP A 142 20.12 -7.65 3.58
CA ASP A 142 18.97 -8.54 3.61
C ASP A 142 18.28 -8.61 2.26
N ALA A 143 18.17 -7.48 1.57
CA ALA A 143 17.57 -7.48 0.24
C ALA A 143 18.36 -8.34 -0.72
N LEU A 144 19.69 -8.23 -0.69
CA LEU A 144 20.53 -9.07 -1.55
C LEU A 144 20.36 -10.54 -1.18
N ALA A 145 20.27 -10.84 0.11
CA ALA A 145 20.05 -12.22 0.54
C ALA A 145 18.75 -12.79 -0.04
N LEU A 146 17.68 -12.01 -0.04
CA LEU A 146 16.42 -12.44 -0.66
C LEU A 146 16.61 -12.72 -2.15
N ALA A 147 17.32 -11.85 -2.86
CA ALA A 147 17.52 -12.07 -4.29
C ALA A 147 18.31 -13.35 -4.52
N LEU A 148 19.34 -13.59 -3.70
CA LEU A 148 20.13 -14.82 -3.84
C LEU A 148 19.30 -16.04 -3.49
N THR A 149 18.38 -15.89 -2.54
CA THR A 149 17.50 -17.00 -2.18
C THR A 149 16.61 -17.40 -3.35
N HIS A 150 16.06 -16.43 -4.09
CA HIS A 150 15.22 -16.79 -5.23
C HIS A 150 16.02 -17.56 -6.28
N LEU A 151 17.25 -17.13 -6.54
CA LEU A 151 18.09 -17.86 -7.49
C LEU A 151 18.33 -19.29 -7.06
N ALA A 152 18.43 -19.52 -5.75
CA ALA A 152 18.65 -20.88 -5.26
C ALA A 152 17.39 -21.73 -5.38
N HIS A 153 16.21 -21.13 -5.26
CA HIS A 153 14.95 -21.86 -5.36
C HIS A 153 14.49 -22.04 -6.80
N ALA A 154 15.18 -21.43 -7.75
CA ALA A 154 14.79 -21.51 -9.16
C ALA A 154 15.54 -22.62 -9.87
N MET B 1 -14.93 22.46 -3.15
CA MET B 1 -16.22 22.07 -2.64
C MET B 1 -16.63 20.68 -3.13
N ARG B 2 -15.74 20.04 -3.87
CA ARG B 2 -15.98 18.69 -4.38
C ARG B 2 -15.17 17.71 -3.54
N VAL B 3 -15.84 16.72 -2.94
CA VAL B 3 -15.21 15.79 -2.01
C VAL B 3 -15.42 14.37 -2.48
N LEU B 4 -14.34 13.58 -2.49
CA LEU B 4 -14.40 12.14 -2.70
C LEU B 4 -14.33 11.47 -1.34
N GLY B 5 -15.41 10.81 -0.94
CA GLY B 5 -15.39 9.97 0.25
C GLY B 5 -14.92 8.57 -0.07
N ILE B 6 -14.14 7.98 0.83
CA ILE B 6 -13.59 6.64 0.62
C ILE B 6 -13.84 5.80 1.85
N ASP B 7 -14.57 4.69 1.67
CA ASP B 7 -14.69 3.65 2.68
C ASP B 7 -13.63 2.58 2.36
N PRO B 8 -12.52 2.59 3.09
CA PRO B 8 -11.36 1.78 2.67
C PRO B 8 -11.58 0.29 2.91
N GLY B 9 -10.99 -0.51 2.03
CA GLY B 9 -11.10 -1.96 2.15
C GLY B 9 -10.41 -2.63 0.98
N LEU B 10 -10.21 -3.94 1.13
CA LEU B 10 -9.59 -4.73 0.07
C LEU B 10 -10.63 -5.46 -0.77
N ALA B 11 -11.52 -6.21 -0.11
CA ALA B 11 -12.57 -6.91 -0.81
C ALA B 11 -13.64 -5.94 -1.32
N ASN B 12 -13.85 -4.85 -0.60
CA ASN B 12 -14.83 -3.83 -0.94
C ASN B 12 -14.22 -2.46 -0.69
N LEU B 13 -14.29 -1.58 -1.69
CA LEU B 13 -13.80 -0.22 -1.55
C LEU B 13 -14.93 0.70 -1.97
N GLY B 14 -15.54 1.39 -1.01
CA GLY B 14 -16.63 2.32 -1.32
C GLY B 14 -16.10 3.68 -1.71
N LEU B 15 -16.66 4.26 -2.77
CA LEU B 15 -16.26 5.56 -3.28
C LEU B 15 -17.52 6.39 -3.49
N GLY B 16 -17.49 7.66 -3.06
CA GLY B 16 -18.65 8.51 -3.21
C GLY B 16 -18.23 9.95 -3.46
N LEU B 17 -18.74 10.55 -4.53
CA LEU B 17 -18.38 11.92 -4.90
C LEU B 17 -19.58 12.84 -4.76
N VAL B 18 -19.39 13.95 -4.04
CA VAL B 18 -20.42 14.97 -3.86
C VAL B 18 -19.78 16.32 -4.06
N GLU B 19 -20.62 17.34 -4.23
CA GLU B 19 -20.12 18.70 -4.31
C GLU B 19 -21.13 19.63 -3.65
N GLY B 20 -20.63 20.62 -2.93
CA GLY B 20 -21.52 21.62 -2.38
C GLY B 20 -20.97 22.23 -1.12
N ASP B 21 -21.83 22.49 -0.12
CA ASP B 21 -21.39 23.03 1.16
C ASP B 21 -22.26 22.45 2.26
N VAL B 22 -22.15 23.00 3.48
CA VAL B 22 -22.89 22.45 4.62
C VAL B 22 -24.39 22.47 4.35
N ARG B 23 -24.86 23.49 3.62
CA ARG B 23 -26.29 23.69 3.45
C ARG B 23 -26.87 22.84 2.34
N ARG B 24 -26.15 22.67 1.23
CA ARG B 24 -26.67 21.90 0.10
C ARG B 24 -25.53 21.19 -0.60
N ALA B 25 -25.74 19.92 -0.93
CA ALA B 25 -24.78 19.14 -1.69
C ALA B 25 -25.47 18.44 -2.84
N LYS B 26 -24.70 18.18 -3.90
CA LYS B 26 -25.20 17.44 -5.06
C LYS B 26 -24.39 16.17 -5.22
N HIS B 27 -25.09 15.09 -5.56
CA HIS B 27 -24.44 13.82 -5.87
C HIS B 27 -23.80 13.84 -7.25
N LEU B 28 -22.57 13.34 -7.33
CA LEU B 28 -21.92 13.18 -8.62
C LEU B 28 -21.70 11.73 -9.03
N TYR B 29 -21.39 10.84 -8.08
CA TYR B 29 -21.02 9.47 -8.45
C TYR B 29 -20.86 8.60 -7.20
N HIS B 30 -21.20 7.32 -7.29
CA HIS B 30 -20.79 6.40 -6.23
C HIS B 30 -20.63 5.00 -6.81
N VAL B 31 -19.76 4.20 -6.19
CA VAL B 31 -19.61 2.79 -6.53
C VAL B 31 -19.01 2.08 -5.33
N CYS B 32 -19.15 0.75 -5.32
CA CYS B 32 -18.36 -0.12 -4.46
C CYS B 32 -17.51 -1.00 -5.37
N LEU B 33 -16.21 -0.78 -5.37
CA LEU B 33 -15.28 -1.66 -6.08
C LEU B 33 -15.11 -2.93 -5.27
N THR B 34 -14.93 -4.04 -5.97
N THR B 34 -14.92 -4.05 -5.98
CA THR B 34 -14.74 -5.33 -5.32
CA THR B 34 -14.74 -5.33 -5.33
C THR B 34 -13.51 -6.03 -5.89
C THR B 34 -13.49 -6.02 -5.89
N THR B 35 -12.83 -6.79 -5.02
CA THR B 35 -11.75 -7.68 -5.44
C THR B 35 -11.93 -9.01 -4.73
N GLU B 36 -11.39 -10.07 -5.33
CA GLU B 36 -11.59 -11.41 -4.84
C GLU B 36 -10.27 -12.04 -4.41
N SER B 37 -10.35 -12.92 -3.41
CA SER B 37 -9.17 -13.66 -2.95
C SER B 37 -8.62 -14.61 -4.01
N ALA B 38 -9.35 -14.84 -5.10
CA ALA B 38 -8.81 -15.62 -6.20
C ALA B 38 -7.66 -14.92 -6.89
N TRP B 39 -7.58 -13.59 -6.79
CA TRP B 39 -6.47 -12.83 -7.33
C TRP B 39 -5.37 -12.74 -6.29
N LEU B 40 -4.13 -12.69 -6.75
CA LEU B 40 -3.02 -12.48 -5.85
C LEU B 40 -3.08 -11.05 -5.30
N MET B 41 -2.54 -10.85 -4.10
CA MET B 41 -2.60 -9.53 -3.47
C MET B 41 -2.12 -8.40 -4.37
N PRO B 42 -0.99 -8.51 -5.08
CA PRO B 42 -0.56 -7.36 -5.90
C PRO B 42 -1.58 -6.99 -6.97
N ARG B 43 -2.24 -7.97 -7.58
CA ARG B 43 -3.24 -7.68 -8.60
C ARG B 43 -4.47 -7.01 -8.00
N ARG B 44 -4.89 -7.46 -6.82
CA ARG B 44 -6.00 -6.80 -6.11
C ARG B 44 -5.67 -5.33 -5.86
N LEU B 45 -4.47 -5.07 -5.34
CA LEU B 45 -4.06 -3.69 -5.07
C LEU B 45 -3.97 -2.86 -6.35
N GLN B 46 -3.47 -3.46 -7.44
CA GLN B 46 -3.34 -2.74 -8.70
C GLN B 46 -4.71 -2.32 -9.23
N TYR B 47 -5.66 -3.25 -9.18
CA TYR B 47 -7.02 -2.95 -9.62
C TYR B 47 -7.61 -1.80 -8.83
N LEU B 48 -7.52 -1.85 -7.51
CA LEU B 48 -8.11 -0.77 -6.70
C LEU B 48 -7.40 0.55 -6.96
N HIS B 49 -6.07 0.52 -7.04
CA HIS B 49 -5.33 1.75 -7.27
C HIS B 49 -5.66 2.32 -8.65
N GLU B 50 -5.81 1.47 -9.66
CA GLU B 50 -6.13 1.94 -11.00
C GLU B 50 -7.51 2.59 -11.04
N GLU B 51 -8.51 1.93 -10.46
CA GLU B 51 -9.86 2.49 -10.55
C GLU B 51 -9.99 3.76 -9.73
N LEU B 52 -9.35 3.81 -8.55
CA LEU B 52 -9.31 5.04 -7.76
C LEU B 52 -8.60 6.15 -8.53
N THR B 53 -7.44 5.84 -9.13
N THR B 53 -7.46 5.84 -9.13
CA THR B 53 -6.73 6.85 -9.93
CA THR B 53 -6.74 6.84 -9.91
C THR B 53 -7.61 7.40 -11.03
C THR B 53 -7.60 7.40 -11.04
N ARG B 54 -8.33 6.53 -11.73
CA ARG B 54 -9.17 7.00 -12.84
C ARG B 54 -10.23 7.99 -12.34
N LEU B 55 -10.87 7.68 -11.20
CA LEU B 55 -11.88 8.56 -10.63
C LEU B 55 -11.31 9.89 -10.15
N LEU B 56 -10.14 9.86 -9.49
CA LEU B 56 -9.47 11.09 -9.09
C LEU B 56 -9.10 11.94 -10.30
N THR B 57 -8.59 11.30 -11.35
N THR B 57 -8.61 11.29 -11.35
CA THR B 57 -8.21 12.03 -12.57
CA THR B 57 -8.21 12.03 -12.54
C THR B 57 -9.44 12.63 -13.23
C THR B 57 -9.43 12.62 -13.25
N GLU B 58 -10.51 11.85 -13.37
CA GLU B 58 -11.70 12.35 -14.04
C GLU B 58 -12.32 13.51 -13.26
N TYR B 59 -12.66 13.28 -11.99
CA TYR B 59 -13.55 14.22 -11.32
C TYR B 59 -12.83 15.32 -10.54
N ARG B 60 -11.51 15.24 -10.40
CA ARG B 60 -10.70 16.32 -9.87
C ARG B 60 -11.23 16.90 -8.56
N PRO B 61 -11.42 16.07 -7.53
CA PRO B 61 -11.98 16.58 -6.26
C PRO B 61 -11.01 17.50 -5.53
N ASP B 62 -11.58 18.37 -4.69
CA ASP B 62 -10.75 19.25 -3.88
C ASP B 62 -10.19 18.55 -2.65
N ALA B 63 -10.85 17.50 -2.17
CA ALA B 63 -10.43 16.85 -0.94
C ALA B 63 -10.93 15.42 -0.96
N VAL B 64 -10.23 14.55 -0.23
CA VAL B 64 -10.68 13.20 0.04
C VAL B 64 -11.00 13.09 1.53
N ALA B 65 -12.13 12.44 1.83
CA ALA B 65 -12.55 12.14 3.20
C ALA B 65 -12.52 10.63 3.37
N ILE B 66 -11.75 10.17 4.35
CA ILE B 66 -11.54 8.74 4.52
C ILE B 66 -11.93 8.32 5.93
N GLU B 67 -12.38 7.08 6.07
CA GLU B 67 -12.73 6.57 7.39
C GLU B 67 -11.47 6.38 8.22
N ASP B 68 -11.48 6.92 9.44
CA ASP B 68 -10.34 6.78 10.33
C ASP B 68 -10.24 5.34 10.81
N GLN B 69 -9.01 4.84 10.90
CA GLN B 69 -8.76 3.46 11.32
C GLN B 69 -8.66 3.44 12.84
N ILE B 70 -9.80 3.27 13.49
CA ILE B 70 -9.86 3.19 14.96
C ILE B 70 -9.93 1.73 15.42
N GLN B 74 -5.97 -7.27 15.41
CA GLN B 74 -4.75 -8.08 15.43
C GLN B 74 -3.69 -7.48 14.52
N ALA B 75 -2.42 -7.77 14.81
CA ALA B 75 -1.31 -7.14 14.07
C ALA B 75 -1.33 -7.53 12.59
N ASP B 76 -1.48 -8.82 12.28
CA ASP B 76 -1.50 -9.17 10.86
C ASP B 76 -2.78 -8.70 10.19
N VAL B 77 -3.86 -8.52 10.97
CA VAL B 77 -5.05 -7.87 10.43
C VAL B 77 -4.75 -6.40 10.12
N ALA B 78 -4.17 -5.69 11.09
CA ALA B 78 -3.71 -4.32 10.85
C ALA B 78 -2.81 -4.24 9.62
N PHE B 79 -1.91 -5.21 9.49
CA PHE B 79 -0.97 -5.21 8.36
C PHE B 79 -1.72 -5.32 7.04
N LYS B 80 -2.71 -6.21 6.98
CA LYS B 80 -3.48 -6.41 5.74
C LYS B 80 -4.35 -5.21 5.44
N VAL B 81 -5.03 -4.66 6.45
CA VAL B 81 -5.80 -3.43 6.25
C VAL B 81 -4.89 -2.32 5.76
N GLY B 82 -3.67 -2.27 6.29
CA GLY B 82 -2.73 -1.24 5.86
C GLY B 82 -2.35 -1.33 4.39
N GLN B 83 -2.22 -2.55 3.85
CA GLN B 83 -1.83 -2.69 2.44
C GLN B 83 -2.79 -1.95 1.53
N ALA B 84 -4.10 -2.13 1.72
CA ALA B 84 -5.08 -1.44 0.91
C ALA B 84 -5.11 0.05 1.22
N PHE B 85 -5.02 0.41 2.51
CA PHE B 85 -5.00 1.82 2.87
C PHE B 85 -3.82 2.53 2.23
N GLY B 86 -2.67 1.88 2.18
CA GLY B 86 -1.49 2.50 1.58
C GLY B 86 -1.66 2.87 0.12
N VAL B 87 -2.29 1.98 -0.66
CA VAL B 87 -2.46 2.24 -2.07
C VAL B 87 -3.48 3.34 -2.30
N VAL B 88 -4.49 3.44 -1.42
CA VAL B 88 -5.43 4.55 -1.47
C VAL B 88 -4.73 5.86 -1.16
N GLN B 89 -3.93 5.90 -0.09
CA GLN B 89 -3.21 7.12 0.23
C GLN B 89 -2.26 7.51 -0.90
N LEU B 90 -1.63 6.52 -1.53
CA LEU B 90 -0.72 6.84 -2.63
C LEU B 90 -1.45 7.51 -3.78
N ALA B 91 -2.62 7.01 -4.16
CA ALA B 91 -3.33 7.59 -5.28
C ALA B 91 -3.72 9.04 -4.99
N CYS B 92 -4.12 9.31 -3.77
CA CYS B 92 -4.44 10.69 -3.39
C CYS B 92 -3.21 11.57 -3.46
N ALA B 93 -2.08 11.10 -2.95
CA ALA B 93 -0.86 11.90 -3.00
C ALA B 93 -0.44 12.18 -4.44
N GLN B 94 -0.56 11.17 -5.31
CA GLN B 94 -0.17 11.34 -6.71
C GLN B 94 -1.08 12.33 -7.41
N ALA B 95 -2.34 12.41 -6.96
CA ALA B 95 -3.28 13.37 -7.52
C ALA B 95 -3.15 14.75 -6.90
N GLY B 96 -2.36 14.88 -5.84
CA GLY B 96 -2.26 16.12 -5.11
C GLY B 96 -3.50 16.51 -4.34
N VAL B 97 -4.25 15.55 -3.84
CA VAL B 97 -5.53 15.80 -3.19
C VAL B 97 -5.35 15.53 -1.69
N PRO B 98 -5.63 16.51 -0.85
CA PRO B 98 -5.43 16.31 0.59
C PRO B 98 -6.44 15.33 1.17
N ILE B 99 -6.00 14.57 2.16
CA ILE B 99 -6.81 13.52 2.80
C ILE B 99 -7.21 13.99 4.19
N HIS B 100 -8.48 13.83 4.53
CA HIS B 100 -8.97 14.13 5.87
C HIS B 100 -9.67 12.89 6.40
N ALA B 101 -9.28 12.44 7.59
CA ALA B 101 -9.84 11.23 8.17
C ALA B 101 -10.91 11.59 9.18
N TYR B 102 -11.99 10.82 9.18
CA TYR B 102 -13.09 11.06 10.11
C TYR B 102 -13.49 9.74 10.74
N GLY B 103 -13.79 9.79 12.04
CA GLY B 103 -14.25 8.62 12.74
C GLY B 103 -15.75 8.48 12.68
N PRO B 104 -16.26 7.32 13.11
CA PRO B 104 -17.71 7.06 12.95
C PRO B 104 -18.59 8.02 13.73
N MET B 105 -18.16 8.44 14.92
CA MET B 105 -18.99 9.38 15.67
C MET B 105 -19.06 10.74 14.98
N GLN B 106 -17.98 11.14 14.32
CA GLN B 106 -18.01 12.42 13.59
C GLN B 106 -18.99 12.35 12.42
N VAL B 107 -19.05 11.22 11.74
CA VAL B 107 -19.99 11.06 10.63
C VAL B 107 -21.42 11.13 11.15
N LYS B 108 -21.70 10.43 12.24
CA LYS B 108 -23.06 10.44 12.81
C LYS B 108 -23.49 11.84 13.23
N LYS B 109 -22.60 12.59 13.88
CA LYS B 109 -22.98 13.92 14.34
C LYS B 109 -23.17 14.88 13.15
N SER B 110 -22.32 14.75 12.13
CA SER B 110 -22.42 15.62 10.96
C SER B 110 -23.70 15.37 10.18
N LEU B 111 -24.16 14.13 10.14
CA LEU B 111 -25.27 13.77 9.27
C LEU B 111 -26.59 13.67 9.99
N VAL B 112 -26.57 13.18 11.24
CA VAL B 112 -27.77 12.93 12.02
C VAL B 112 -27.80 13.90 13.20
N GLY B 113 -29.00 14.36 13.56
CA GLY B 113 -29.15 15.21 14.74
C GLY B 113 -28.83 14.51 16.05
N THR B 114 -28.92 13.19 16.08
CA THR B 114 -28.68 12.45 17.33
C THR B 114 -27.21 12.50 17.72
N GLY B 115 -26.31 12.27 16.76
CA GLY B 115 -24.85 12.28 16.95
C GLY B 115 -24.35 11.12 17.78
N ARG B 116 -25.22 10.19 18.16
CA ARG B 116 -24.82 9.04 18.95
C ARG B 116 -24.13 8.00 18.09
N LYS B 119 -26.80 2.91 11.40
CA LYS B 119 -26.44 3.27 10.04
C LYS B 119 -27.69 3.52 9.20
N GLU B 120 -28.84 3.01 9.68
CA GLU B 120 -30.10 3.29 9.00
C GLU B 120 -30.44 4.77 9.03
N GLN B 121 -30.14 5.43 10.16
CA GLN B 121 -30.36 6.88 10.25
C GLN B 121 -29.36 7.64 9.40
N VAL B 122 -28.09 7.22 9.42
CA VAL B 122 -27.10 7.86 8.56
C VAL B 122 -27.49 7.71 7.10
N ILE B 123 -27.87 6.49 6.69
CA ILE B 123 -28.20 6.24 5.28
C ILE B 123 -29.41 7.05 4.84
N TYR B 124 -30.43 7.13 5.69
CA TYR B 124 -31.58 7.96 5.37
C TYR B 124 -31.15 9.41 5.12
N MET B 125 -30.24 9.92 5.96
CA MET B 125 -29.80 11.29 5.79
C MET B 125 -28.91 11.46 4.57
N VAL B 126 -28.15 10.43 4.20
CA VAL B 126 -27.38 10.49 2.96
C VAL B 126 -28.33 10.60 1.77
N LYS B 127 -29.34 9.73 1.72
CA LYS B 127 -30.29 9.75 0.61
C LYS B 127 -31.05 11.07 0.53
N ALA B 128 -31.45 11.61 1.68
CA ALA B 128 -32.23 12.84 1.69
C ALA B 128 -31.38 14.01 1.21
N SER B 129 -30.15 14.12 1.70
CA SER B 129 -29.28 15.23 1.34
C SER B 129 -28.97 15.24 -0.15
N LEU B 130 -28.90 14.06 -0.76
CA LEU B 130 -28.42 13.92 -2.12
C LEU B 130 -29.53 13.62 -3.12
N GLY B 131 -30.76 13.42 -2.65
CA GLY B 131 -31.85 13.09 -3.55
C GLY B 131 -31.75 11.71 -4.14
N ILE B 132 -31.15 10.77 -3.42
CA ILE B 132 -30.93 9.41 -3.89
C ILE B 132 -32.08 8.54 -3.41
N ARG B 133 -32.77 7.91 -4.36
CA ARG B 133 -33.91 7.07 -4.02
C ARG B 133 -33.46 5.73 -3.42
N GLU B 134 -32.51 5.08 -4.07
CA GLU B 134 -32.09 3.72 -3.70
C GLU B 134 -30.58 3.68 -3.51
N LEU B 135 -30.14 3.26 -2.34
CA LEU B 135 -28.73 3.15 -2.00
C LEU B 135 -28.54 1.80 -1.32
N PHE B 136 -28.16 0.79 -2.09
CA PHE B 136 -28.17 -0.59 -1.61
C PHE B 136 -26.87 -1.02 -0.97
N ASN B 137 -25.74 -0.41 -1.32
CA ASN B 137 -24.44 -0.85 -0.84
C ASN B 137 -23.98 0.02 0.31
N ASN B 138 -23.73 -0.61 1.46
CA ASN B 138 -23.36 0.12 2.67
C ASN B 138 -22.00 0.79 2.53
N HIS B 139 -21.10 0.22 1.73
CA HIS B 139 -19.78 0.81 1.57
C HIS B 139 -19.85 2.07 0.73
N ALA B 140 -20.64 2.03 -0.34
CA ALA B 140 -20.86 3.25 -1.13
C ALA B 140 -21.60 4.30 -0.30
N ALA B 141 -22.60 3.88 0.48
CA ALA B 141 -23.30 4.81 1.36
C ALA B 141 -22.37 5.43 2.39
N ASP B 142 -21.50 4.59 2.99
CA ASP B 142 -20.54 5.07 3.97
C ASP B 142 -19.59 6.08 3.35
N ALA B 143 -19.18 5.82 2.10
CA ALA B 143 -18.28 6.74 1.42
C ALA B 143 -18.97 8.07 1.17
N LEU B 144 -20.24 8.04 0.76
CA LEU B 144 -20.97 9.29 0.59
C LEU B 144 -21.14 10.00 1.93
N ALA B 145 -21.39 9.25 3.01
CA ALA B 145 -21.53 9.86 4.33
C ALA B 145 -20.24 10.56 4.74
N LEU B 146 -19.09 9.97 4.41
CA LEU B 146 -17.82 10.61 4.69
C LEU B 146 -17.65 11.90 3.89
N ALA B 147 -18.00 11.89 2.61
CA ALA B 147 -17.86 13.10 1.82
C ALA B 147 -18.73 14.22 2.37
N LEU B 148 -19.97 13.89 2.76
CA LEU B 148 -20.87 14.87 3.35
C LEU B 148 -20.37 15.35 4.71
N THR B 149 -19.70 14.47 5.46
CA THR B 149 -19.12 14.88 6.73
C THR B 149 -18.03 15.91 6.52
N HIS B 150 -17.23 15.77 5.45
CA HIS B 150 -16.19 16.75 5.21
C HIS B 150 -16.80 18.12 4.91
N LEU B 151 -17.87 18.15 4.11
CA LEU B 151 -18.54 19.42 3.84
C LEU B 151 -18.98 20.09 5.13
N ALA B 152 -19.54 19.30 6.06
CA ALA B 152 -19.99 19.85 7.33
C ALA B 152 -18.84 20.39 8.18
N HIS B 153 -17.64 19.84 8.03
CA HIS B 153 -16.50 20.27 8.83
C HIS B 153 -15.68 21.38 8.17
N ALA B 154 -15.99 21.74 6.93
CA ALA B 154 -15.25 22.80 6.25
C ALA B 154 -15.85 24.16 6.56
#